data_3TWM
#
_entry.id   3TWM
#
_cell.length_a   46.400
_cell.length_b   98.570
_cell.length_c   181.480
_cell.angle_alpha   90.00
_cell.angle_beta   90.00
_cell.angle_gamma   90.00
#
_symmetry.space_group_name_H-M   'P 21 21 21'
#
loop_
_entity.id
_entity.type
_entity.pdbx_description
1 polymer 'Formamidopyrimidine-DNA glycosylase 1'
2 polymer "5'-D(*AP*GP*CP*GP*TP*CP*CP*AP*(3DR)P*GP*TP*CP*TP*AP*CP*C)-3'"
3 polymer "5'-D(*TP*GP*GP*TP*AP*GP*AP*CP*GP*TP*GP*GP*AP*CP*GP*C)-3'"
4 water water
#
loop_
_entity_poly.entity_id
_entity_poly.type
_entity_poly.pdbx_seq_one_letter_code
_entity_poly.pdbx_strand_id
1 'polypeptide(L)'
;MPELPEVEAARRAIEENCLGKKIKRVIIADDNKVIHGISPSDFQTSILGKTIISARRKGKNLWLELDSPPFPSFQFGMAG
AIYIKGVAVTKYKRSAVKDSEEWPSKYSKFFVELDDGLELSFTDKRRFAKVRLLANPTSVSPISELGPDALLEPMTVDEF
AESLAKKKITIKPLLLDQGYISGIGNWIADEVLYQARIHPLQTASSLSKEQCEALHTSIKEVIEKAVEVDADSSQFPSNW
IFHNREKKPGKAFVDGKKIDFITAGGRTTAYVPELQKLYGKDAEKAAKVRPAKRGVKPKEDDGDHHHHHH
;
A,B
2 'polydeoxyribonucleotide' (DA)(DG)(DC)(DG)(DT)(DC)(DC)(DA)(3DR)(DG)(DT)(DC)(DT)(DA)(DC)(DC) C,E
3 'polydeoxyribonucleotide' (DT)(DG)(DG)(DT)(DA)(DG)(DA)(DC)(DG)(DT)(DG)(DG)(DA)(DC)(DG)(DC) D,F
#
# COMPACT_ATOMS: atom_id res chain seq x y z
N PRO A 2 1.05 -16.72 20.52
CA PRO A 2 -0.36 -16.27 20.59
C PRO A 2 -0.99 -16.10 19.20
N GLU A 3 -2.27 -16.43 19.11
CA GLU A 3 -2.98 -16.32 17.85
C GLU A 3 -3.70 -14.98 17.79
N LEU A 4 -4.48 -14.80 16.73
CA LEU A 4 -5.19 -13.55 16.54
C LEU A 4 -5.82 -12.92 17.78
N PRO A 5 -6.63 -13.68 18.56
CA PRO A 5 -7.26 -13.07 19.75
C PRO A 5 -6.27 -12.37 20.68
N GLU A 6 -5.21 -13.07 21.04
CA GLU A 6 -4.19 -12.56 21.95
C GLU A 6 -3.53 -11.27 21.45
N VAL A 7 -3.23 -11.21 20.16
CA VAL A 7 -2.62 -10.04 19.58
C VAL A 7 -3.63 -8.90 19.46
N GLU A 8 -4.85 -9.24 19.06
CA GLU A 8 -5.89 -8.25 18.90
C GLU A 8 -6.22 -7.58 20.23
N ALA A 9 -6.09 -8.34 21.31
CA ALA A 9 -6.35 -7.80 22.64
C ALA A 9 -5.27 -6.77 22.95
N ALA A 10 -4.01 -7.14 22.70
CA ALA A 10 -2.90 -6.22 22.94
C ALA A 10 -3.04 -4.98 22.09
N ARG A 11 -3.48 -5.12 20.85
CA ARG A 11 -3.65 -3.96 19.98
C ARG A 11 -4.68 -3.00 20.56
N ARG A 12 -5.80 -3.56 21.02
CA ARG A 12 -6.87 -2.75 21.58
C ARG A 12 -6.45 -2.07 22.85
N ALA A 13 -5.68 -2.79 23.66
CA ALA A 13 -5.22 -2.23 24.94
C ALA A 13 -4.34 -1.03 24.68
N ILE A 14 -3.48 -1.10 23.66
CA ILE A 14 -2.60 0.01 23.37
C ILE A 14 -3.36 1.14 22.70
N GLU A 15 -4.35 0.80 21.88
CA GLU A 15 -5.12 1.82 21.20
C GLU A 15 -5.92 2.60 22.23
N GLU A 16 -6.08 2.01 23.41
CA GLU A 16 -6.85 2.65 24.45
C GLU A 16 -6.04 3.42 25.48
N ASN A 17 -4.87 2.92 25.83
CA ASN A 17 -4.06 3.59 26.83
C ASN A 17 -2.81 4.31 26.40
N CYS A 18 -2.33 4.04 25.19
CA CYS A 18 -1.06 4.65 24.80
C CYS A 18 -1.03 5.64 23.66
N LEU A 19 -2.13 5.88 22.97
CA LEU A 19 -2.08 6.82 21.86
C LEU A 19 -1.93 8.27 22.30
N GLY A 20 -1.15 9.02 21.53
CA GLY A 20 -0.92 10.43 21.82
C GLY A 20 -0.02 10.79 22.99
N LYS A 21 0.98 9.96 23.29
CA LYS A 21 1.87 10.26 24.40
C LYS A 21 3.32 10.07 23.96
N LYS A 22 4.18 11.04 24.26
CA LYS A 22 5.56 10.91 23.85
C LYS A 22 6.30 9.85 24.63
N ILE A 23 7.19 9.17 23.94
CA ILE A 23 8.01 8.13 24.54
C ILE A 23 9.16 8.85 25.24
N LYS A 24 9.17 8.76 26.56
CA LYS A 24 10.17 9.40 27.40
C LYS A 24 11.38 8.50 27.68
N ARG A 25 11.15 7.19 27.78
CA ARG A 25 12.25 6.29 28.05
C ARG A 25 12.15 4.97 27.27
N VAL A 26 13.26 4.55 26.65
CA VAL A 26 13.26 3.31 25.88
C VAL A 26 14.32 2.33 26.36
N ILE A 27 14.00 1.05 26.28
CA ILE A 27 14.94 0.01 26.65
C ILE A 27 14.67 -1.14 25.70
N ILE A 28 15.72 -1.55 25.01
CA ILE A 28 15.59 -2.62 24.07
C ILE A 28 16.50 -3.73 24.57
N ALA A 29 15.95 -4.92 24.66
CA ALA A 29 16.73 -6.06 25.12
C ALA A 29 17.92 -6.27 24.20
N ASP A 30 19.05 -6.62 24.80
CA ASP A 30 20.24 -6.89 24.04
C ASP A 30 20.14 -8.39 23.72
N ASP A 31 19.21 -8.69 22.83
CA ASP A 31 18.94 -10.06 22.39
C ASP A 31 19.15 -10.13 20.89
N ASN A 32 20.30 -10.65 20.51
CA ASN A 32 20.68 -10.81 19.11
C ASN A 32 19.62 -11.50 18.22
N LYS A 33 18.92 -12.49 18.78
CA LYS A 33 17.92 -13.26 18.03
C LYS A 33 16.55 -12.60 17.84
N VAL A 34 16.05 -11.97 18.90
CA VAL A 34 14.72 -11.34 18.87
C VAL A 34 14.73 -9.92 18.26
N ILE A 35 15.66 -9.08 18.68
CA ILE A 35 15.77 -7.74 18.14
C ILE A 35 16.50 -7.92 16.81
N HIS A 36 15.71 -7.95 15.75
CA HIS A 36 16.15 -8.23 14.39
C HIS A 36 16.43 -7.04 13.43
N GLY A 37 17.66 -6.99 12.92
CA GLY A 37 18.03 -5.97 11.96
C GLY A 37 18.38 -4.58 12.46
N ILE A 38 18.84 -4.48 13.69
CA ILE A 38 19.20 -3.20 14.26
C ILE A 38 19.76 -3.39 15.67
N SER A 39 20.73 -2.58 16.07
CA SER A 39 21.30 -2.71 17.42
C SER A 39 20.30 -2.17 18.43
N PRO A 40 20.19 -2.82 19.58
CA PRO A 40 19.24 -2.34 20.60
C PRO A 40 19.47 -0.86 20.84
N SER A 41 20.71 -0.45 20.65
CA SER A 41 21.13 0.92 20.85
C SER A 41 20.51 1.86 19.81
N ASP A 42 20.66 1.51 18.54
CA ASP A 42 20.09 2.31 17.47
C ASP A 42 18.59 2.33 17.62
N PHE A 43 18.03 1.13 17.75
CA PHE A 43 16.60 0.99 17.92
C PHE A 43 16.13 1.90 19.06
N GLN A 44 16.92 2.00 20.12
CA GLN A 44 16.53 2.87 21.22
C GLN A 44 16.55 4.34 20.80
N THR A 45 17.68 4.80 20.27
CA THR A 45 17.78 6.18 19.86
C THR A 45 16.66 6.59 18.92
N SER A 46 16.29 5.69 18.01
CA SER A 46 15.27 6.04 17.04
C SER A 46 13.90 6.46 17.59
N ILE A 47 13.17 5.53 18.22
CA ILE A 47 11.83 5.87 18.72
C ILE A 47 11.79 6.81 19.90
N LEU A 48 12.93 7.02 20.55
CA LEU A 48 12.93 7.91 21.69
C LEU A 48 12.35 9.26 21.35
N GLY A 49 11.47 9.76 22.22
CA GLY A 49 10.88 11.07 21.97
C GLY A 49 9.70 11.15 21.01
N LYS A 50 9.42 10.08 20.26
CA LYS A 50 8.28 10.12 19.34
C LYS A 50 6.97 9.81 20.05
N THR A 51 5.88 9.79 19.31
CA THR A 51 4.59 9.49 19.92
C THR A 51 3.87 8.44 19.10
N ILE A 52 3.21 7.52 19.80
CA ILE A 52 2.47 6.47 19.13
C ILE A 52 1.24 7.16 18.58
N ILE A 53 0.98 6.96 17.28
CA ILE A 53 -0.19 7.58 16.67
C ILE A 53 -1.32 6.57 16.55
N SER A 54 -0.98 5.30 16.47
CA SER A 54 -2.00 4.25 16.40
C SER A 54 -1.36 2.88 16.46
N ALA A 55 -2.10 1.90 16.93
CA ALA A 55 -1.58 0.54 17.03
C ALA A 55 -2.25 -0.29 15.94
N ARG A 56 -1.46 -0.89 15.06
CA ARG A 56 -2.05 -1.68 13.97
C ARG A 56 -1.79 -3.17 14.02
N ARG A 57 -2.62 -3.94 13.32
CA ARG A 57 -2.45 -5.39 13.33
C ARG A 57 -2.85 -6.12 12.06
N LYS A 58 -2.20 -7.24 11.82
CA LYS A 58 -2.53 -8.10 10.69
C LYS A 58 -2.01 -9.49 11.03
N GLY A 59 -2.92 -10.44 11.13
CA GLY A 59 -2.50 -11.78 11.48
C GLY A 59 -1.91 -11.72 12.87
N LYS A 60 -0.91 -12.57 13.12
CA LYS A 60 -0.23 -12.62 14.41
C LYS A 60 0.92 -11.61 14.45
N ASN A 61 0.66 -10.44 13.89
CA ASN A 61 1.63 -9.36 13.81
C ASN A 61 1.06 -8.02 14.24
N LEU A 62 1.84 -7.27 14.99
CA LEU A 62 1.40 -5.98 15.47
C LEU A 62 2.53 -4.97 15.34
N TRP A 63 2.18 -3.75 14.94
CA TRP A 63 3.19 -2.72 14.81
C TRP A 63 2.60 -1.41 15.31
N LEU A 64 3.49 -0.51 15.72
CA LEU A 64 3.08 0.79 16.25
C LEU A 64 3.39 1.90 15.28
N GLU A 65 2.34 2.54 14.78
CA GLU A 65 2.53 3.65 13.85
C GLU A 65 2.92 4.84 14.73
N LEU A 66 4.07 5.43 14.42
CA LEU A 66 4.54 6.58 15.18
C LEU A 66 4.33 7.87 14.39
N ASP A 67 4.54 9.00 15.05
CA ASP A 67 4.38 10.30 14.41
C ASP A 67 5.38 10.49 13.27
N SER A 68 6.28 9.52 13.10
CA SER A 68 7.28 9.56 12.03
C SER A 68 8.00 8.23 11.98
N PRO A 69 8.26 7.71 10.77
CA PRO A 69 8.96 6.42 10.66
C PRO A 69 10.42 6.45 11.16
N PRO A 70 11.05 5.26 11.32
CA PRO A 70 10.49 3.91 11.08
C PRO A 70 9.62 3.45 12.27
N PHE A 71 8.77 2.45 12.02
CA PHE A 71 7.87 1.94 13.04
C PHE A 71 8.27 0.57 13.59
N PRO A 72 8.12 0.36 14.93
CA PRO A 72 8.47 -0.91 15.58
C PRO A 72 7.36 -1.93 15.34
N SER A 73 7.71 -3.16 15.00
CA SER A 73 6.71 -4.19 14.76
C SER A 73 7.07 -5.45 15.53
N PHE A 74 6.04 -6.23 15.88
CA PHE A 74 6.26 -7.44 16.63
C PHE A 74 5.60 -8.68 16.03
N GLN A 75 6.41 -9.71 15.80
CA GLN A 75 5.93 -11.00 15.30
C GLN A 75 6.01 -11.85 16.57
N PHE A 76 4.88 -12.06 17.24
CA PHE A 76 4.82 -12.78 18.50
C PHE A 76 5.46 -14.15 18.59
N GLY A 77 5.26 -14.99 17.59
CA GLY A 77 5.84 -16.31 17.68
C GLY A 77 5.06 -17.17 18.65
N MET A 78 5.76 -18.04 19.36
CA MET A 78 5.11 -18.94 20.28
C MET A 78 4.82 -18.35 21.65
N ALA A 79 5.69 -17.47 22.14
CA ALA A 79 5.49 -16.90 23.46
C ALA A 79 5.47 -15.39 23.58
N GLY A 80 5.39 -14.68 22.47
CA GLY A 80 5.36 -13.22 22.55
C GLY A 80 4.19 -12.72 23.36
N ALA A 81 4.36 -11.61 24.05
CA ALA A 81 3.27 -11.06 24.84
C ALA A 81 3.49 -9.57 25.09
N ILE A 82 2.38 -8.88 25.30
CA ILE A 82 2.36 -7.45 25.55
C ILE A 82 1.88 -7.17 26.99
N TYR A 83 2.45 -6.15 27.61
CA TYR A 83 2.10 -5.75 28.97
C TYR A 83 2.05 -4.22 29.09
N ILE A 84 1.04 -3.76 29.83
CA ILE A 84 0.84 -2.34 30.06
C ILE A 84 0.76 -2.09 31.57
N LYS A 85 1.28 -0.96 32.02
CA LYS A 85 1.23 -0.64 33.44
C LYS A 85 1.70 0.79 33.66
N TRP A 103 10.69 -5.32 36.54
CA TRP A 103 9.93 -4.70 35.44
C TRP A 103 10.53 -3.35 35.07
N PRO A 104 11.15 -3.22 33.88
CA PRO A 104 11.36 -4.20 32.79
C PRO A 104 11.55 -5.67 33.21
N SER A 105 10.54 -6.49 32.94
CA SER A 105 10.59 -7.91 33.25
C SER A 105 11.87 -8.55 32.69
N LYS A 106 12.22 -9.73 33.19
CA LYS A 106 13.43 -10.42 32.72
C LYS A 106 13.34 -10.78 31.25
N TYR A 107 12.12 -10.99 30.75
CA TYR A 107 11.94 -11.39 29.37
C TYR A 107 11.50 -10.27 28.45
N SER A 108 11.60 -9.03 28.93
CA SER A 108 11.20 -7.90 28.13
C SER A 108 12.21 -7.73 27.02
N LYS A 109 11.74 -7.43 25.82
CA LYS A 109 12.61 -7.23 24.66
C LYS A 109 12.42 -5.80 24.16
N PHE A 110 11.24 -5.23 24.43
CA PHE A 110 10.91 -3.88 24.02
C PHE A 110 10.18 -3.22 25.19
N PHE A 111 10.68 -2.07 25.63
CA PHE A 111 10.10 -1.36 26.76
C PHE A 111 10.06 0.15 26.55
N VAL A 112 8.95 0.77 26.93
CA VAL A 112 8.82 2.22 26.79
C VAL A 112 7.99 2.75 27.95
N GLU A 113 8.35 3.95 28.40
CA GLU A 113 7.63 4.63 29.47
C GLU A 113 7.12 5.89 28.80
N LEU A 114 5.82 6.12 28.87
CA LEU A 114 5.28 7.30 28.23
C LEU A 114 5.29 8.52 29.15
N ASP A 115 5.11 9.70 28.55
CA ASP A 115 5.12 10.95 29.30
C ASP A 115 4.15 11.06 30.48
N ASP A 116 3.42 9.99 30.76
CA ASP A 116 2.47 9.99 31.88
C ASP A 116 2.76 8.87 32.86
N GLY A 117 3.97 8.32 32.80
CA GLY A 117 4.37 7.25 33.70
C GLY A 117 3.90 5.86 33.29
N LEU A 118 3.01 5.79 32.31
CA LEU A 118 2.48 4.53 31.82
C LEU A 118 3.61 3.76 31.14
N GLU A 119 3.67 2.45 31.38
CA GLU A 119 4.71 1.61 30.78
C GLU A 119 4.14 0.55 29.82
N LEU A 120 4.87 0.31 28.73
CA LEU A 120 4.47 -0.67 27.73
C LEU A 120 5.63 -1.62 27.49
N SER A 121 5.36 -2.92 27.52
CA SER A 121 6.42 -3.89 27.35
C SER A 121 6.09 -5.15 26.55
N PHE A 122 7.00 -5.53 25.65
CA PHE A 122 6.79 -6.72 24.86
C PHE A 122 7.76 -7.79 25.35
N THR A 123 7.25 -8.89 25.89
CA THR A 123 8.12 -9.95 26.39
C THR A 123 8.07 -11.15 25.48
N ASP A 124 8.96 -12.11 25.73
CA ASP A 124 9.07 -13.32 24.91
C ASP A 124 9.93 -14.32 25.68
N LYS A 125 9.35 -14.93 26.70
CA LYS A 125 10.07 -15.88 27.53
C LYS A 125 10.69 -17.06 26.80
N ARG A 126 10.32 -17.26 25.54
CA ARG A 126 10.88 -18.39 24.80
C ARG A 126 11.87 -17.96 23.74
N ARG A 127 11.84 -16.69 23.36
CA ARG A 127 12.74 -16.18 22.33
C ARG A 127 12.47 -16.69 20.91
N PHE A 128 11.20 -16.76 20.53
CA PHE A 128 10.83 -17.20 19.19
C PHE A 128 10.15 -16.07 18.45
N ALA A 129 10.18 -14.86 19.03
CA ALA A 129 9.55 -13.69 18.43
C ALA A 129 10.51 -12.85 17.59
N LYS A 130 9.97 -11.90 16.85
CA LYS A 130 10.78 -11.01 16.02
C LYS A 130 10.33 -9.56 16.20
N VAL A 131 11.21 -8.71 16.73
CA VAL A 131 10.88 -7.30 16.87
C VAL A 131 11.75 -6.61 15.82
N ARG A 132 11.12 -5.80 14.97
CA ARG A 132 11.85 -5.09 13.92
C ARG A 132 11.48 -3.61 13.97
N LEU A 133 12.23 -2.81 13.24
CA LEU A 133 11.99 -1.36 13.16
C LEU A 133 12.04 -1.05 11.67
N LEU A 134 10.88 -1.09 11.03
CA LEU A 134 10.75 -0.88 9.58
C LEU A 134 10.04 0.40 9.17
N ALA A 135 10.50 1.03 8.08
CA ALA A 135 9.89 2.27 7.56
C ALA A 135 8.41 2.03 7.21
N ASN A 136 8.11 0.83 6.72
CA ASN A 136 6.73 0.46 6.42
C ASN A 136 6.57 -1.04 6.50
N PRO A 137 6.14 -1.54 7.66
CA PRO A 137 5.93 -2.98 7.93
C PRO A 137 4.94 -3.62 6.95
N THR A 138 4.09 -2.78 6.38
CA THR A 138 3.06 -3.23 5.47
C THR A 138 3.55 -3.66 4.10
N SER A 139 4.70 -3.15 3.68
CA SER A 139 5.24 -3.47 2.36
C SER A 139 6.30 -4.54 2.34
N VAL A 140 6.70 -5.04 3.52
CA VAL A 140 7.76 -6.05 3.58
C VAL A 140 7.43 -7.22 4.47
N SER A 141 8.21 -8.29 4.36
CA SER A 141 7.99 -9.47 5.19
C SER A 141 7.97 -9.09 6.66
N PRO A 142 7.19 -9.81 7.47
CA PRO A 142 6.38 -10.93 6.99
C PRO A 142 4.99 -10.49 6.59
N ILE A 143 4.63 -9.26 6.95
CA ILE A 143 3.29 -8.72 6.67
C ILE A 143 2.90 -8.62 5.21
N SER A 144 3.87 -8.38 4.34
CA SER A 144 3.56 -8.26 2.91
C SER A 144 2.95 -9.55 2.35
N GLU A 145 3.51 -10.71 2.71
CA GLU A 145 2.98 -11.98 2.21
C GLU A 145 1.78 -12.51 2.97
N LEU A 146 1.28 -11.76 3.95
CA LEU A 146 0.16 -12.24 4.71
C LEU A 146 -1.11 -12.26 3.91
N GLY A 147 -1.90 -13.32 4.14
CA GLY A 147 -3.17 -13.48 3.47
C GLY A 147 -4.19 -12.62 4.18
N PRO A 148 -5.44 -12.56 3.69
CA PRO A 148 -6.45 -11.73 4.34
C PRO A 148 -6.67 -12.08 5.80
N ASP A 149 -6.86 -11.04 6.61
CA ASP A 149 -7.06 -11.20 8.04
C ASP A 149 -8.41 -11.81 8.40
N ALA A 150 -8.37 -12.82 9.28
CA ALA A 150 -9.57 -13.51 9.73
C ALA A 150 -10.58 -12.58 10.37
N LEU A 151 -10.10 -11.51 10.98
CA LEU A 151 -11.00 -10.58 11.64
C LEU A 151 -11.27 -9.27 10.91
N LEU A 152 -10.39 -8.88 10.00
CA LEU A 152 -10.60 -7.62 9.28
C LEU A 152 -11.11 -7.75 7.86
N GLU A 153 -10.77 -8.87 7.22
CA GLU A 153 -11.18 -9.11 5.85
C GLU A 153 -11.68 -10.54 5.74
N PRO A 154 -12.77 -10.86 6.43
CA PRO A 154 -13.36 -12.20 6.40
C PRO A 154 -13.94 -12.57 5.04
N MET A 155 -13.40 -13.63 4.43
CA MET A 155 -13.90 -14.08 3.13
C MET A 155 -15.40 -14.35 3.24
N THR A 156 -16.18 -13.77 2.32
CA THR A 156 -17.63 -13.96 2.31
C THR A 156 -17.90 -15.46 2.19
N VAL A 157 -19.07 -15.90 2.63
CA VAL A 157 -19.41 -17.31 2.58
C VAL A 157 -18.99 -17.92 1.25
N ASP A 158 -19.55 -17.39 0.16
CA ASP A 158 -19.23 -17.90 -1.18
C ASP A 158 -17.73 -17.97 -1.46
N GLU A 159 -17.04 -16.84 -1.29
CA GLU A 159 -15.61 -16.77 -1.55
C GLU A 159 -14.87 -17.88 -0.80
N PHE A 160 -15.04 -17.89 0.51
CA PHE A 160 -14.40 -18.89 1.36
C PHE A 160 -14.41 -20.23 0.64
N ALA A 161 -15.60 -20.77 0.40
CA ALA A 161 -15.73 -22.06 -0.26
C ALA A 161 -14.97 -22.07 -1.58
N GLU A 162 -15.26 -21.09 -2.43
CA GLU A 162 -14.64 -20.97 -3.74
C GLU A 162 -13.14 -21.26 -3.71
N SER A 163 -12.44 -20.74 -2.71
CA SER A 163 -11.01 -20.96 -2.60
C SER A 163 -10.77 -22.30 -1.94
N LEU A 164 -11.66 -22.70 -1.05
CA LEU A 164 -11.51 -23.99 -0.38
C LEU A 164 -11.42 -25.05 -1.46
N ALA A 165 -12.09 -24.79 -2.58
CA ALA A 165 -12.11 -25.71 -3.70
C ALA A 165 -10.72 -25.81 -4.33
N LYS A 166 -10.19 -24.68 -4.76
CA LYS A 166 -8.89 -24.60 -5.40
C LYS A 166 -7.69 -25.19 -4.64
N LYS A 167 -7.91 -25.72 -3.44
CA LYS A 167 -6.81 -26.29 -2.66
C LYS A 167 -6.92 -27.80 -2.49
N LYS A 168 -5.84 -28.50 -2.80
CA LYS A 168 -5.80 -29.96 -2.69
C LYS A 168 -4.97 -30.30 -1.45
N ILE A 169 -5.07 -29.44 -0.44
CA ILE A 169 -4.34 -29.60 0.81
C ILE A 169 -5.29 -29.97 1.93
N THR A 170 -4.73 -30.55 2.99
CA THR A 170 -5.52 -30.92 4.17
C THR A 170 -6.14 -29.63 4.71
N ILE A 171 -7.37 -29.69 5.21
CA ILE A 171 -8.04 -28.50 5.73
C ILE A 171 -7.33 -27.75 6.87
N LYS A 172 -6.72 -28.48 7.82
CA LYS A 172 -6.06 -27.81 8.93
C LYS A 172 -4.80 -27.08 8.55
N PRO A 173 -3.81 -27.81 8.01
CA PRO A 173 -2.60 -27.08 7.65
C PRO A 173 -2.97 -25.91 6.74
N LEU A 174 -4.11 -25.99 6.08
CA LEU A 174 -4.56 -24.90 5.22
C LEU A 174 -4.94 -23.70 6.09
N LEU A 175 -5.50 -23.98 7.27
CA LEU A 175 -5.90 -22.92 8.17
C LEU A 175 -4.73 -22.35 8.94
N LEU A 176 -3.66 -23.15 9.04
CA LEU A 176 -2.46 -22.72 9.74
C LEU A 176 -1.49 -22.00 8.81
N ASP A 177 -1.92 -21.79 7.57
CA ASP A 177 -1.08 -21.12 6.58
C ASP A 177 -1.38 -19.63 6.60
N GLN A 178 -0.43 -18.83 7.07
CA GLN A 178 -0.64 -17.39 7.14
C GLN A 178 -0.84 -16.79 5.76
N GLY A 179 -0.31 -17.46 4.73
CA GLY A 179 -0.45 -16.98 3.38
C GLY A 179 -1.89 -17.03 2.92
N TYR A 180 -2.55 -18.16 3.17
CA TYR A 180 -3.95 -18.32 2.80
C TYR A 180 -4.77 -17.30 3.59
N ILE A 181 -4.95 -17.56 4.88
CA ILE A 181 -5.67 -16.65 5.78
C ILE A 181 -4.75 -16.39 6.96
N SER A 182 -4.82 -15.18 7.52
CA SER A 182 -3.96 -14.84 8.64
C SER A 182 -4.69 -14.73 9.96
N GLY A 183 -4.03 -15.19 11.02
CA GLY A 183 -4.62 -15.12 12.35
C GLY A 183 -4.90 -16.42 13.07
N ILE A 184 -5.24 -17.45 12.33
CA ILE A 184 -5.56 -18.72 12.95
C ILE A 184 -4.33 -19.47 13.43
N GLY A 185 -4.43 -20.06 14.62
CA GLY A 185 -3.32 -20.80 15.21
C GLY A 185 -3.73 -22.22 15.56
N ASN A 186 -2.79 -23.00 16.08
CA ASN A 186 -3.07 -24.39 16.39
C ASN A 186 -4.36 -24.68 17.15
N TRP A 187 -4.63 -23.94 18.23
CA TRP A 187 -5.86 -24.24 18.98
C TRP A 187 -7.09 -23.63 18.32
N ILE A 188 -6.94 -22.51 17.64
CA ILE A 188 -8.11 -21.95 17.01
C ILE A 188 -8.49 -22.83 15.86
N ALA A 189 -7.51 -23.44 15.19
CA ALA A 189 -7.80 -24.31 14.07
C ALA A 189 -8.62 -25.49 14.59
N ASP A 190 -8.12 -26.15 15.63
CA ASP A 190 -8.81 -27.31 16.21
C ASP A 190 -10.22 -26.98 16.62
N GLU A 191 -10.39 -25.87 17.31
CA GLU A 191 -11.72 -25.51 17.77
C GLU A 191 -12.72 -25.37 16.62
N VAL A 192 -12.39 -24.61 15.58
CA VAL A 192 -13.32 -24.41 14.47
C VAL A 192 -13.64 -25.68 13.68
N LEU A 193 -12.66 -26.54 13.49
CA LEU A 193 -12.90 -27.78 12.77
C LEU A 193 -13.84 -28.67 13.59
N TYR A 194 -13.62 -28.69 14.91
CA TYR A 194 -14.44 -29.47 15.83
C TYR A 194 -15.89 -28.99 15.79
N GLN A 195 -16.07 -27.69 15.98
CA GLN A 195 -17.38 -27.04 15.97
C GLN A 195 -18.11 -27.40 14.68
N ALA A 196 -17.44 -27.17 13.56
CA ALA A 196 -18.01 -27.47 12.25
C ALA A 196 -17.96 -28.96 11.95
N ARG A 197 -17.62 -29.77 12.94
CA ARG A 197 -17.57 -31.22 12.77
C ARG A 197 -16.88 -31.61 11.45
N ILE A 198 -15.59 -31.32 11.36
CA ILE A 198 -14.81 -31.62 10.16
C ILE A 198 -13.45 -32.20 10.54
N HIS A 199 -13.12 -33.39 10.03
CA HIS A 199 -11.83 -34.01 10.34
C HIS A 199 -10.73 -33.06 9.87
N PRO A 200 -9.65 -32.93 10.65
CA PRO A 200 -8.58 -32.03 10.23
C PRO A 200 -7.91 -32.50 8.94
N LEU A 201 -7.90 -33.81 8.72
CA LEU A 201 -7.26 -34.35 7.53
C LEU A 201 -8.10 -34.36 6.26
N GLN A 202 -9.36 -33.94 6.36
CA GLN A 202 -10.19 -33.90 5.16
C GLN A 202 -9.56 -32.90 4.22
N THR A 203 -9.44 -33.27 2.95
CA THR A 203 -8.85 -32.39 1.95
C THR A 203 -9.74 -31.16 1.76
N ALA A 204 -9.13 -30.01 1.44
CA ALA A 204 -9.88 -28.79 1.25
C ALA A 204 -10.93 -28.96 0.16
N SER A 205 -10.45 -29.09 -1.07
CA SER A 205 -11.27 -29.26 -2.27
C SER A 205 -12.38 -30.31 -2.13
N SER A 206 -12.16 -31.31 -1.29
CA SER A 206 -13.15 -32.36 -1.08
C SER A 206 -14.21 -32.00 -0.03
N LEU A 207 -14.31 -30.73 0.31
CA LEU A 207 -15.28 -30.26 1.29
C LEU A 207 -16.61 -29.94 0.60
N SER A 208 -17.72 -30.18 1.29
CA SER A 208 -19.03 -29.89 0.72
C SER A 208 -19.34 -28.41 0.88
N LYS A 209 -20.10 -27.83 -0.03
CA LYS A 209 -20.44 -26.43 0.09
C LYS A 209 -21.26 -26.26 1.35
N GLU A 210 -21.61 -27.37 1.98
CA GLU A 210 -22.37 -27.34 3.21
C GLU A 210 -21.43 -27.22 4.39
N GLN A 211 -20.32 -27.96 4.33
CA GLN A 211 -19.31 -27.94 5.38
C GLN A 211 -18.53 -26.64 5.31
N CYS A 212 -18.30 -26.17 4.09
CA CYS A 212 -17.58 -24.93 3.89
C CYS A 212 -18.31 -23.79 4.56
N GLU A 213 -19.64 -23.84 4.52
CA GLU A 213 -20.42 -22.78 5.13
C GLU A 213 -20.44 -23.01 6.64
N ALA A 214 -20.07 -24.22 7.04
CA ALA A 214 -20.04 -24.59 8.44
C ALA A 214 -18.74 -24.13 9.10
N LEU A 215 -17.64 -24.27 8.38
CA LEU A 215 -16.34 -23.85 8.87
C LEU A 215 -16.38 -22.35 8.92
N HIS A 216 -16.85 -21.75 7.84
CA HIS A 216 -16.96 -20.30 7.78
C HIS A 216 -17.66 -19.77 9.02
N THR A 217 -18.79 -20.37 9.38
CA THR A 217 -19.54 -19.89 10.53
C THR A 217 -18.85 -20.09 11.88
N SER A 218 -18.15 -21.21 12.08
CA SER A 218 -17.49 -21.46 13.36
C SER A 218 -16.28 -20.55 13.51
N ILE A 219 -15.52 -20.35 12.43
CA ILE A 219 -14.36 -19.48 12.48
C ILE A 219 -14.80 -18.12 13.00
N LYS A 220 -15.94 -17.65 12.54
CA LYS A 220 -16.46 -16.37 12.99
C LYS A 220 -16.87 -16.42 14.46
N GLU A 221 -17.61 -17.46 14.87
CA GLU A 221 -18.06 -17.57 16.25
C GLU A 221 -16.88 -17.69 17.21
N VAL A 222 -15.94 -18.57 16.86
CA VAL A 222 -14.77 -18.78 17.69
C VAL A 222 -13.89 -17.55 17.86
N ILE A 223 -13.38 -17.03 16.76
CA ILE A 223 -12.54 -15.86 16.83
C ILE A 223 -13.17 -14.61 17.46
N GLU A 224 -14.45 -14.36 17.19
CA GLU A 224 -15.09 -13.18 17.78
C GLU A 224 -15.19 -13.30 19.29
N LYS A 225 -15.83 -14.36 19.76
CA LYS A 225 -15.99 -14.57 21.19
C LYS A 225 -14.62 -14.50 21.86
N ALA A 226 -13.61 -15.08 21.23
CA ALA A 226 -12.26 -15.05 21.79
C ALA A 226 -11.80 -13.60 21.95
N VAL A 227 -11.96 -12.79 20.91
CA VAL A 227 -11.56 -11.39 20.99
C VAL A 227 -12.42 -10.74 22.07
N GLU A 228 -13.72 -10.90 21.93
CA GLU A 228 -14.67 -10.34 22.85
C GLU A 228 -14.27 -10.53 24.32
N VAL A 229 -13.52 -11.58 24.62
CA VAL A 229 -13.12 -11.82 26.00
C VAL A 229 -11.64 -11.51 26.22
N ASP A 230 -11.12 -10.67 25.35
CA ASP A 230 -9.71 -10.27 25.42
C ASP A 230 -8.77 -11.46 25.53
N ALA A 231 -9.09 -12.50 24.75
CA ALA A 231 -8.29 -13.71 24.72
C ALA A 231 -8.10 -14.36 26.08
N ASP A 232 -8.96 -14.02 27.04
CA ASP A 232 -8.84 -14.64 28.35
C ASP A 232 -9.48 -16.03 28.31
N SER A 233 -8.66 -17.01 27.92
CA SER A 233 -9.10 -18.40 27.78
C SER A 233 -10.14 -18.92 28.77
N SER A 234 -10.11 -18.43 30.01
CA SER A 234 -11.08 -18.89 31.02
C SER A 234 -12.52 -18.47 30.73
N GLN A 235 -12.70 -17.44 29.90
CA GLN A 235 -14.03 -16.93 29.54
C GLN A 235 -14.55 -17.67 28.34
N PHE A 236 -13.70 -18.53 27.79
CA PHE A 236 -14.03 -19.32 26.63
C PHE A 236 -15.20 -20.24 26.91
N PRO A 237 -16.16 -20.34 25.98
CA PRO A 237 -17.33 -21.19 26.14
C PRO A 237 -16.93 -22.56 26.69
N SER A 238 -17.53 -22.95 27.81
CA SER A 238 -17.19 -24.22 28.44
C SER A 238 -17.17 -25.41 27.49
N ASN A 239 -18.06 -25.43 26.51
CA ASN A 239 -18.14 -26.54 25.58
C ASN A 239 -17.10 -26.59 24.46
N TRP A 240 -16.11 -25.70 24.50
CA TRP A 240 -15.06 -25.69 23.48
C TRP A 240 -14.08 -26.82 23.79
N ILE A 241 -13.60 -27.47 22.74
CA ILE A 241 -12.67 -28.58 22.93
C ILE A 241 -11.43 -28.04 23.64
N PHE A 242 -11.07 -26.80 23.31
CA PHE A 242 -9.90 -26.11 23.89
C PHE A 242 -9.59 -26.50 25.34
N HIS A 243 -10.61 -26.46 26.18
CA HIS A 243 -10.49 -26.75 27.60
C HIS A 243 -9.97 -28.12 27.97
N ASN A 244 -9.99 -29.06 27.04
CA ASN A 244 -9.49 -30.39 27.36
C ASN A 244 -8.38 -30.88 26.45
N ARG A 245 -7.93 -30.02 25.53
CA ARG A 245 -6.86 -30.39 24.59
C ARG A 245 -5.54 -30.52 25.34
N GLU A 246 -5.51 -30.09 26.60
CA GLU A 246 -4.28 -30.17 27.39
C GLU A 246 -4.13 -31.53 28.03
N LYS A 247 -5.25 -32.21 28.25
CA LYS A 247 -5.21 -33.52 28.86
C LYS A 247 -4.41 -34.51 28.05
N LYS A 248 -3.93 -35.55 28.71
CA LYS A 248 -3.12 -36.59 28.08
C LYS A 248 -3.95 -37.60 27.30
N PRO A 249 -3.37 -38.17 26.25
CA PRO A 249 -4.11 -39.16 25.44
C PRO A 249 -4.72 -40.24 26.32
N GLY A 250 -5.91 -40.70 25.98
CA GLY A 250 -6.55 -41.72 26.76
C GLY A 250 -7.36 -41.21 27.94
N LYS A 251 -7.16 -39.95 28.33
CA LYS A 251 -7.89 -39.37 29.45
C LYS A 251 -8.51 -38.03 29.07
N ALA A 252 -8.50 -37.75 27.77
CA ALA A 252 -9.03 -36.50 27.23
C ALA A 252 -10.41 -36.73 26.64
N PHE A 253 -11.40 -35.98 27.12
CA PHE A 253 -12.77 -36.12 26.62
C PHE A 253 -13.56 -34.81 26.59
N VAL A 254 -14.62 -34.80 25.80
CA VAL A 254 -15.49 -33.64 25.69
C VAL A 254 -16.91 -34.18 25.46
N ASP A 255 -17.83 -33.80 26.35
CA ASP A 255 -19.21 -34.28 26.28
C ASP A 255 -19.23 -35.79 26.15
N GLY A 256 -18.42 -36.46 26.96
CA GLY A 256 -18.36 -37.90 26.93
C GLY A 256 -17.60 -38.46 25.75
N LYS A 257 -17.57 -37.72 24.66
CA LYS A 257 -16.88 -38.15 23.46
C LYS A 257 -15.37 -38.14 23.69
N LYS A 258 -14.66 -39.02 23.00
CA LYS A 258 -13.21 -39.14 23.15
C LYS A 258 -12.38 -38.30 22.20
N ILE A 259 -11.29 -37.73 22.71
CA ILE A 259 -10.38 -36.90 21.93
C ILE A 259 -9.16 -37.69 21.45
N ASP A 260 -8.78 -37.48 20.20
CA ASP A 260 -7.62 -38.15 19.62
C ASP A 260 -6.55 -37.13 19.25
N PHE A 261 -5.30 -37.49 19.49
CA PHE A 261 -4.18 -36.60 19.18
C PHE A 261 -3.33 -37.11 18.03
N ILE A 262 -3.49 -36.50 16.86
CA ILE A 262 -2.70 -36.86 15.68
C ILE A 262 -1.93 -35.61 15.26
N THR A 263 -0.88 -35.76 14.45
CA THR A 263 -0.14 -34.57 14.04
C THR A 263 -0.47 -34.22 12.59
N ALA A 264 -0.56 -32.92 12.30
CA ALA A 264 -0.87 -32.42 10.97
C ALA A 264 -0.26 -31.03 10.83
N GLY A 265 0.49 -30.83 9.75
CA GLY A 265 1.15 -29.55 9.54
C GLY A 265 2.27 -29.48 10.55
N GLY A 266 2.57 -30.62 11.17
CA GLY A 266 3.62 -30.70 12.16
C GLY A 266 3.16 -30.20 13.52
N ARG A 267 1.85 -30.13 13.72
CA ARG A 267 1.28 -29.64 14.97
C ARG A 267 0.31 -30.62 15.62
N THR A 268 0.47 -30.85 16.92
CA THR A 268 -0.42 -31.78 17.61
C THR A 268 -1.85 -31.29 17.44
N THR A 269 -2.68 -32.15 16.84
CA THR A 269 -4.07 -31.82 16.56
C THR A 269 -5.08 -32.64 17.34
N ALA A 270 -5.89 -31.96 18.14
CA ALA A 270 -6.91 -32.61 18.94
C ALA A 270 -8.23 -32.62 18.17
N TYR A 271 -8.84 -33.80 18.07
CA TYR A 271 -10.11 -33.93 17.36
C TYR A 271 -10.86 -35.12 17.94
N VAL A 272 -12.15 -35.20 17.64
CA VAL A 272 -13.00 -36.28 18.12
C VAL A 272 -13.47 -37.14 16.95
N PRO A 273 -12.96 -38.38 16.84
CA PRO A 273 -13.34 -39.28 15.76
C PRO A 273 -14.85 -39.53 15.68
N GLU A 274 -15.52 -39.56 16.83
CA GLU A 274 -16.95 -39.80 16.85
C GLU A 274 -17.80 -38.68 16.23
N LEU A 275 -17.21 -37.51 16.00
CA LEU A 275 -17.97 -36.40 15.41
C LEU A 275 -17.32 -35.90 14.14
N GLN A 276 -16.00 -35.99 14.07
CA GLN A 276 -15.26 -35.54 12.89
C GLN A 276 -14.83 -36.77 12.09
N LYS A 277 -15.51 -37.01 10.97
CA LYS A 277 -15.24 -38.16 10.11
C LYS A 277 -14.72 -37.70 8.75
N LEU A 278 -14.32 -38.64 7.90
CA LEU A 278 -13.83 -38.30 6.56
C LEU A 278 -14.07 -39.41 5.52
N TYR A 279 -14.16 -39.01 4.25
CA TYR A 279 -14.39 -39.97 3.17
C TYR A 279 -13.07 -40.52 2.64
N PRO B 2 -0.79 19.60 -16.47
CA PRO B 2 0.66 19.39 -16.19
C PRO B 2 1.12 18.06 -16.76
N GLU B 3 2.42 17.97 -17.00
CA GLU B 3 3.00 16.75 -17.53
C GLU B 3 3.79 16.09 -16.39
N LEU B 4 4.39 14.93 -16.65
CA LEU B 4 5.12 14.21 -15.62
C LEU B 4 6.01 15.04 -14.71
N PRO B 5 6.81 15.96 -15.27
CA PRO B 5 7.68 16.79 -14.42
C PRO B 5 6.92 17.57 -13.34
N GLU B 6 5.84 18.22 -13.75
CA GLU B 6 5.04 19.03 -12.84
C GLU B 6 4.44 18.15 -11.74
N VAL B 7 3.87 17.01 -12.12
CA VAL B 7 3.28 16.11 -11.14
C VAL B 7 4.32 15.49 -10.23
N GLU B 8 5.47 15.09 -10.80
CA GLU B 8 6.55 14.50 -10.00
C GLU B 8 7.10 15.54 -9.04
N ALA B 9 7.10 16.80 -9.49
CA ALA B 9 7.60 17.88 -8.65
C ALA B 9 6.75 17.89 -7.39
N ALA B 10 5.43 17.91 -7.59
CA ALA B 10 4.48 17.93 -6.48
C ALA B 10 4.61 16.72 -5.58
N ARG B 11 4.74 15.53 -6.18
CA ARG B 11 4.87 14.32 -5.39
C ARG B 11 5.97 14.45 -4.35
N ARG B 12 7.10 15.00 -4.78
CA ARG B 12 8.25 15.19 -3.91
C ARG B 12 8.02 16.16 -2.78
N ALA B 13 7.31 17.26 -3.04
CA ALA B 13 7.04 18.25 -2.00
C ALA B 13 6.19 17.61 -0.92
N ILE B 14 5.14 16.92 -1.34
CA ILE B 14 4.25 16.25 -0.41
C ILE B 14 5.06 15.26 0.40
N GLU B 15 5.74 14.37 -0.31
CA GLU B 15 6.54 13.33 0.33
C GLU B 15 7.51 13.87 1.33
N GLU B 16 8.10 15.02 1.03
CA GLU B 16 9.09 15.57 1.94
C GLU B 16 8.60 16.52 3.03
N ASN B 17 7.30 16.84 3.03
CA ASN B 17 6.74 17.75 4.05
C ASN B 17 5.37 17.38 4.66
N CYS B 18 4.71 16.36 4.11
CA CYS B 18 3.38 15.99 4.59
C CYS B 18 3.20 14.58 5.14
N LEU B 19 4.28 13.82 5.31
CA LEU B 19 4.16 12.47 5.84
C LEU B 19 3.93 12.38 7.36
N GLY B 20 3.34 11.26 7.77
CA GLY B 20 3.06 11.01 9.17
C GLY B 20 2.55 12.22 9.92
N LYS B 21 1.35 12.66 9.57
CA LYS B 21 0.72 13.80 10.24
C LYS B 21 -0.76 13.70 10.01
N LYS B 22 -1.49 13.46 11.10
CA LYS B 22 -2.93 13.32 11.04
C LYS B 22 -3.64 14.49 10.38
N ILE B 23 -4.69 14.14 9.64
CA ILE B 23 -5.53 15.11 8.94
C ILE B 23 -6.57 15.61 9.94
N LYS B 24 -6.39 16.84 10.41
CA LYS B 24 -7.31 17.43 11.38
C LYS B 24 -8.57 17.97 10.73
N ARG B 25 -8.40 18.63 9.59
CA ARG B 25 -9.50 19.24 8.89
C ARG B 25 -9.51 18.81 7.42
N VAL B 26 -10.68 18.81 6.79
CA VAL B 26 -10.81 18.42 5.39
C VAL B 26 -11.89 19.18 4.65
N ILE B 27 -11.65 19.45 3.37
CA ILE B 27 -12.61 20.14 2.55
C ILE B 27 -12.52 19.66 1.11
N ILE B 28 -13.56 18.98 0.66
CA ILE B 28 -13.63 18.49 -0.70
C ILE B 28 -14.63 19.40 -1.37
N ALA B 29 -14.37 19.77 -2.61
CA ALA B 29 -15.25 20.67 -3.33
C ALA B 29 -16.51 19.99 -3.82
N ASP B 30 -17.56 20.79 -3.97
CA ASP B 30 -18.83 20.31 -4.45
C ASP B 30 -18.79 20.55 -5.95
N ASP B 31 -17.93 19.79 -6.62
CA ASP B 31 -17.76 19.88 -8.06
C ASP B 31 -18.04 18.50 -8.62
N ASN B 32 -19.30 18.24 -8.90
CA ASN B 32 -19.73 16.95 -9.42
C ASN B 32 -18.88 16.33 -10.52
N LYS B 33 -18.21 17.17 -11.32
CA LYS B 33 -17.40 16.66 -12.43
C LYS B 33 -15.98 16.22 -12.06
N VAL B 34 -15.37 16.91 -11.12
CA VAL B 34 -14.02 16.61 -10.68
C VAL B 34 -14.03 15.55 -9.58
N ILE B 35 -14.70 15.83 -8.47
CA ILE B 35 -14.78 14.87 -7.38
C ILE B 35 -15.63 13.76 -7.95
N HIS B 36 -14.95 12.68 -8.33
CA HIS B 36 -15.58 11.55 -9.00
C HIS B 36 -15.85 10.26 -8.22
N GLY B 37 -17.13 9.90 -8.13
CA GLY B 37 -17.53 8.66 -7.46
C GLY B 37 -17.78 8.68 -5.97
N ILE B 38 -18.10 9.85 -5.44
CA ILE B 38 -18.37 9.99 -4.02
C ILE B 38 -18.65 11.46 -3.72
N SER B 39 -19.43 11.72 -2.69
CA SER B 39 -19.77 13.09 -2.32
C SER B 39 -18.66 13.74 -1.53
N PRO B 40 -18.74 15.07 -1.35
CA PRO B 40 -17.69 15.76 -0.58
C PRO B 40 -17.69 15.26 0.87
N SER B 41 -18.86 15.17 1.48
CA SER B 41 -18.99 14.70 2.86
C SER B 41 -18.37 13.31 2.99
N ASP B 42 -18.92 12.34 2.25
CA ASP B 42 -18.42 10.98 2.31
C ASP B 42 -16.90 10.97 2.17
N PHE B 43 -16.40 11.70 1.18
CA PHE B 43 -14.98 11.79 0.91
C PHE B 43 -14.25 12.40 2.12
N GLN B 44 -14.77 13.51 2.63
CA GLN B 44 -14.15 14.17 3.77
C GLN B 44 -14.17 13.24 4.99
N THR B 45 -15.34 12.68 5.27
CA THR B 45 -15.53 11.79 6.39
C THR B 45 -14.53 10.63 6.37
N SER B 46 -14.25 10.09 5.19
CA SER B 46 -13.36 8.95 5.10
C SER B 46 -11.93 9.15 5.54
N ILE B 47 -11.25 10.15 4.99
CA ILE B 47 -9.84 10.38 5.32
C ILE B 47 -9.58 11.21 6.57
N LEU B 48 -10.63 11.77 7.15
CA LEU B 48 -10.46 12.57 8.35
C LEU B 48 -9.76 11.75 9.43
N GLY B 49 -8.76 12.35 10.07
CA GLY B 49 -8.03 11.65 11.12
C GLY B 49 -6.86 10.81 10.65
N LYS B 50 -6.88 10.34 9.41
CA LYS B 50 -5.77 9.51 8.90
C LYS B 50 -4.47 10.28 8.67
N THR B 51 -3.44 9.55 8.25
CA THR B 51 -2.16 10.19 7.97
C THR B 51 -1.63 9.65 6.68
N ILE B 52 -0.86 10.49 5.99
CA ILE B 52 -0.26 10.12 4.71
C ILE B 52 1.01 9.33 4.99
N ILE B 53 1.12 8.16 4.38
CA ILE B 53 2.28 7.32 4.60
C ILE B 53 3.33 7.61 3.55
N SER B 54 2.88 7.78 2.31
CA SER B 54 3.77 8.05 1.18
C SER B 54 2.99 8.73 0.06
N ALA B 55 3.73 9.25 -0.93
CA ALA B 55 3.12 9.92 -2.07
C ALA B 55 3.58 9.14 -3.30
N ARG B 56 2.66 8.63 -4.11
CA ARG B 56 3.06 7.86 -5.28
C ARG B 56 2.67 8.51 -6.59
N ARG B 57 3.19 7.98 -7.69
CA ARG B 57 2.87 8.55 -9.00
C ARG B 57 3.11 7.59 -10.16
N LYS B 58 2.29 7.72 -11.18
CA LYS B 58 2.39 6.89 -12.37
C LYS B 58 1.94 7.80 -13.50
N GLY B 59 2.88 8.22 -14.34
CA GLY B 59 2.49 9.12 -15.40
C GLY B 59 1.94 10.41 -14.82
N LYS B 60 0.89 10.93 -15.42
CA LYS B 60 0.28 12.19 -14.97
C LYS B 60 -0.74 11.98 -13.85
N ASN B 61 -0.48 10.98 -13.00
CA ASN B 61 -1.38 10.66 -11.89
C ASN B 61 -0.64 10.59 -10.56
N LEU B 62 -1.25 11.18 -9.53
CA LEU B 62 -0.69 11.21 -8.19
C LEU B 62 -1.68 10.68 -7.18
N TRP B 63 -1.24 9.71 -6.37
CA TRP B 63 -2.13 9.20 -5.33
C TRP B 63 -1.38 9.10 -4.01
N LEU B 64 -2.09 9.48 -2.94
CA LEU B 64 -1.54 9.47 -1.58
C LEU B 64 -1.88 8.19 -0.85
N GLU B 65 -0.84 7.49 -0.40
CA GLU B 65 -1.07 6.27 0.35
C GLU B 65 -1.22 6.69 1.82
N LEU B 66 -2.40 6.44 2.38
CA LEU B 66 -2.69 6.78 3.77
C LEU B 66 -2.32 5.61 4.70
N ASP B 67 -2.53 5.78 6.00
CA ASP B 67 -2.20 4.70 6.93
C ASP B 67 -3.20 3.54 6.89
N SER B 68 -4.20 3.66 6.02
CA SER B 68 -5.24 2.64 5.79
C SER B 68 -6.06 3.21 4.65
N PRO B 69 -6.61 2.34 3.78
CA PRO B 69 -7.42 2.82 2.64
C PRO B 69 -8.81 3.28 3.10
N PRO B 70 -9.61 3.89 2.19
CA PRO B 70 -9.37 4.19 0.77
C PRO B 70 -8.35 5.32 0.53
N PHE B 71 -7.75 5.32 -0.66
CA PHE B 71 -6.74 6.32 -1.02
C PHE B 71 -7.16 7.37 -2.05
N PRO B 72 -6.92 8.65 -1.76
CA PRO B 72 -7.27 9.71 -2.70
C PRO B 72 -6.30 9.70 -3.89
N SER B 73 -6.82 9.92 -5.10
CA SER B 73 -5.99 9.93 -6.30
C SER B 73 -6.23 11.24 -7.06
N PHE B 74 -5.22 11.71 -7.77
CA PHE B 74 -5.35 12.95 -8.52
C PHE B 74 -4.82 12.79 -9.94
N GLN B 75 -5.73 12.92 -10.90
CA GLN B 75 -5.39 12.84 -12.31
C GLN B 75 -5.54 14.31 -12.70
N PHE B 76 -4.39 14.98 -12.83
CA PHE B 76 -4.32 16.41 -13.12
C PHE B 76 -5.04 17.03 -14.30
N GLY B 77 -5.08 16.34 -15.44
CA GLY B 77 -5.75 16.93 -16.60
C GLY B 77 -4.99 18.15 -17.11
N MET B 78 -5.72 19.10 -17.70
CA MET B 78 -5.07 20.28 -18.23
C MET B 78 -4.54 21.26 -17.21
N ALA B 79 -5.26 21.43 -16.09
CA ALA B 79 -4.85 22.41 -15.09
C ALA B 79 -4.69 22.00 -13.62
N GLY B 80 -4.52 20.72 -13.34
CA GLY B 80 -4.39 20.32 -11.94
C GLY B 80 -3.11 20.84 -11.30
N ALA B 81 -3.18 21.27 -10.05
CA ALA B 81 -1.97 21.76 -9.40
C ALA B 81 -2.00 21.50 -7.91
N ILE B 82 -0.82 21.28 -7.34
CA ILE B 82 -0.68 21.03 -5.91
C ILE B 82 0.01 22.21 -5.21
N TYR B 83 -0.58 22.64 -4.09
CA TYR B 83 -0.06 23.74 -3.29
C TYR B 83 0.05 23.34 -1.83
N ILE B 84 1.18 23.71 -1.20
CA ILE B 84 1.45 23.41 0.20
C ILE B 84 1.84 24.69 0.95
N LYS B 85 0.98 25.14 1.86
CA LYS B 85 1.28 26.36 2.62
C LYS B 85 2.00 26.03 3.93
N TRP B 103 -7.70 30.60 0.84
CA TRP B 103 -7.00 29.32 0.94
C TRP B 103 -7.66 28.42 1.99
N PRO B 104 -8.45 27.41 1.57
CA PRO B 104 -8.87 26.87 0.27
C PRO B 104 -9.22 27.86 -0.83
N SER B 105 -8.43 27.82 -1.90
CA SER B 105 -8.66 28.68 -3.05
C SER B 105 -10.06 28.40 -3.56
N LYS B 106 -10.60 29.29 -4.36
CA LYS B 106 -11.92 29.07 -4.90
C LYS B 106 -11.84 28.02 -5.99
N TYR B 107 -10.60 27.66 -6.34
CA TYR B 107 -10.37 26.64 -7.36
C TYR B 107 -9.89 25.33 -6.75
N SER B 108 -9.89 25.27 -5.42
CA SER B 108 -9.46 24.07 -4.70
C SER B 108 -10.51 22.97 -4.80
N LYS B 109 -10.07 21.74 -5.00
CA LYS B 109 -10.99 20.62 -5.12
C LYS B 109 -10.74 19.59 -4.01
N PHE B 110 -9.61 19.72 -3.34
CA PHE B 110 -9.25 18.80 -2.29
C PHE B 110 -8.36 19.57 -1.35
N PHE B 111 -8.75 19.65 -0.09
CA PHE B 111 -7.99 20.42 0.90
C PHE B 111 -7.85 19.72 2.26
N VAL B 112 -6.64 19.63 2.79
CA VAL B 112 -6.45 19.03 4.10
C VAL B 112 -5.53 19.93 4.92
N GLU B 113 -5.82 20.02 6.21
CA GLU B 113 -5.02 20.82 7.14
C GLU B 113 -4.42 19.85 8.14
N LEU B 114 -3.17 19.48 7.92
CA LEU B 114 -2.50 18.53 8.82
C LEU B 114 -2.35 19.13 10.21
N ASP B 115 -2.14 18.26 11.21
CA ASP B 115 -2.03 18.70 12.60
C ASP B 115 -1.02 19.82 12.87
N ASP B 116 0.15 19.76 12.24
CA ASP B 116 1.17 20.77 12.44
C ASP B 116 0.83 22.04 11.65
N GLY B 117 -0.46 22.32 11.55
CA GLY B 117 -0.94 23.50 10.85
C GLY B 117 -0.71 23.54 9.35
N LEU B 118 0.27 22.77 8.88
CA LEU B 118 0.58 22.71 7.44
C LEU B 118 -0.65 22.35 6.60
N GLU B 119 -0.81 23.02 5.46
CA GLU B 119 -1.95 22.78 4.59
C GLU B 119 -1.56 22.36 3.17
N LEU B 120 -2.20 21.30 2.69
CA LEU B 120 -1.98 20.75 1.36
C LEU B 120 -3.25 20.98 0.55
N SER B 121 -3.12 21.47 -0.68
CA SER B 121 -4.30 21.73 -1.48
C SER B 121 -4.13 21.39 -2.95
N PHE B 122 -5.20 20.84 -3.53
CA PHE B 122 -5.21 20.46 -4.93
C PHE B 122 -6.19 21.34 -5.65
N THR B 123 -5.69 22.10 -6.62
CA THR B 123 -6.55 23.02 -7.38
C THR B 123 -6.67 22.56 -8.83
N ASP B 124 -7.74 23.02 -9.49
CA ASP B 124 -8.01 22.67 -10.88
C ASP B 124 -8.85 23.79 -11.51
N LYS B 125 -8.28 24.97 -11.65
CA LYS B 125 -9.00 26.13 -12.20
C LYS B 125 -9.71 26.01 -13.54
N ARG B 126 -9.63 24.84 -14.18
CA ARG B 126 -10.31 24.67 -15.47
C ARG B 126 -11.35 23.59 -15.35
N ARG B 127 -11.24 22.80 -14.29
CA ARG B 127 -12.17 21.72 -14.05
C ARG B 127 -12.04 20.58 -15.04
N PHE B 128 -10.81 20.24 -15.40
CA PHE B 128 -10.56 19.14 -16.33
C PHE B 128 -9.92 17.96 -15.60
N ALA B 129 -9.66 18.13 -14.30
CA ALA B 129 -9.04 17.09 -13.49
C ALA B 129 -10.05 16.11 -12.93
N LYS B 130 -9.55 15.01 -12.37
CA LYS B 130 -10.41 14.00 -11.77
C LYS B 130 -9.84 13.58 -10.40
N VAL B 131 -10.61 13.80 -9.33
CA VAL B 131 -10.16 13.39 -8.00
C VAL B 131 -10.98 12.19 -7.57
N ARG B 132 -10.30 11.12 -7.18
CA ARG B 132 -10.99 9.92 -6.76
C ARG B 132 -10.52 9.42 -5.40
N LEU B 133 -11.37 8.63 -4.75
CA LEU B 133 -11.04 8.02 -3.47
C LEU B 133 -11.22 6.54 -3.79
N LEU B 134 -10.11 5.79 -3.80
CA LEU B 134 -10.15 4.37 -4.14
C LEU B 134 -9.36 3.50 -3.17
N ALA B 135 -9.82 2.28 -2.95
CA ALA B 135 -9.15 1.36 -2.03
C ALA B 135 -7.81 0.91 -2.61
N ASN B 136 -7.62 1.13 -3.90
CA ASN B 136 -6.38 0.73 -4.56
C ASN B 136 -6.33 1.28 -5.98
N PRO B 137 -6.04 2.59 -6.12
CA PRO B 137 -5.96 3.26 -7.42
C PRO B 137 -5.08 2.51 -8.37
N THR B 138 -4.08 1.84 -7.83
CA THR B 138 -3.14 1.12 -8.66
C THR B 138 -3.68 -0.12 -9.34
N SER B 139 -4.98 -0.38 -9.27
CA SER B 139 -5.51 -1.57 -9.92
C SER B 139 -6.79 -1.32 -10.71
N VAL B 140 -7.16 -0.05 -10.88
CA VAL B 140 -8.36 0.29 -11.64
C VAL B 140 -8.08 1.57 -12.44
N SER B 141 -8.86 1.80 -13.50
CA SER B 141 -8.69 3.00 -14.33
C SER B 141 -8.62 4.27 -13.50
N PRO B 142 -7.84 5.27 -13.96
CA PRO B 142 -7.05 5.23 -15.18
C PRO B 142 -5.69 4.58 -14.99
N ILE B 143 -5.24 4.57 -13.75
CA ILE B 143 -3.92 4.01 -13.42
C ILE B 143 -3.61 2.65 -13.98
N SER B 144 -4.59 1.74 -13.98
CA SER B 144 -4.35 0.40 -14.49
C SER B 144 -3.80 0.36 -15.92
N GLU B 145 -4.49 0.99 -16.87
CA GLU B 145 -4.04 0.99 -18.27
C GLU B 145 -2.77 1.76 -18.59
N LEU B 146 -2.19 2.43 -17.59
CA LEU B 146 -0.98 3.20 -17.85
C LEU B 146 0.22 2.32 -18.23
N GLY B 147 0.88 2.68 -19.34
CA GLY B 147 2.04 1.94 -19.81
C GLY B 147 3.19 2.11 -18.84
N PRO B 148 4.43 1.88 -19.27
CA PRO B 148 5.54 2.05 -18.32
C PRO B 148 5.84 3.54 -18.11
N ASP B 149 6.26 3.89 -16.90
CA ASP B 149 6.54 5.29 -16.58
C ASP B 149 7.88 5.81 -17.09
N ALA B 150 7.80 6.83 -17.94
CA ALA B 150 8.99 7.45 -18.51
C ALA B 150 10.08 7.79 -17.50
N LEU B 151 9.74 7.87 -16.21
CA LEU B 151 10.74 8.22 -15.21
C LEU B 151 11.04 7.11 -14.20
N LEU B 152 10.29 6.01 -14.26
CA LEU B 152 10.53 4.93 -13.31
C LEU B 152 10.57 3.58 -14.05
N GLU B 153 10.07 3.58 -15.27
CA GLU B 153 10.02 2.38 -16.09
C GLU B 153 10.55 2.70 -17.50
N PRO B 154 11.78 3.23 -17.57
CA PRO B 154 12.35 3.57 -18.87
C PRO B 154 12.77 2.34 -19.64
N MET B 155 12.25 2.20 -20.85
CA MET B 155 12.64 1.07 -21.68
C MET B 155 14.13 1.26 -22.00
N THR B 156 14.77 0.18 -22.43
CA THR B 156 16.18 0.25 -22.80
C THR B 156 16.26 0.62 -24.28
N VAL B 157 17.38 1.23 -24.66
CA VAL B 157 17.57 1.65 -26.04
C VAL B 157 17.12 0.54 -27.00
N ASP B 158 17.23 -0.70 -26.54
CA ASP B 158 16.87 -1.85 -27.36
C ASP B 158 15.39 -2.19 -27.36
N GLU B 159 14.80 -2.34 -26.18
CA GLU B 159 13.39 -2.68 -26.10
C GLU B 159 12.57 -1.57 -26.75
N PHE B 160 12.99 -0.33 -26.50
CA PHE B 160 12.35 0.87 -27.04
C PHE B 160 12.31 0.77 -28.57
N ALA B 161 13.43 0.34 -29.14
CA ALA B 161 13.52 0.20 -30.59
C ALA B 161 12.59 -0.89 -31.06
N GLU B 162 12.75 -2.09 -30.48
CA GLU B 162 11.93 -3.23 -30.84
C GLU B 162 10.44 -2.90 -30.79
N SER B 163 10.05 -2.05 -29.85
CA SER B 163 8.65 -1.66 -29.69
C SER B 163 8.21 -0.64 -30.74
N LEU B 164 9.11 0.28 -31.07
CA LEU B 164 8.82 1.32 -32.05
C LEU B 164 8.70 0.71 -33.43
N ALA B 165 9.34 -0.44 -33.61
CA ALA B 165 9.33 -1.15 -34.88
C ALA B 165 7.96 -1.78 -35.14
N LYS B 166 7.43 -2.45 -34.12
CA LYS B 166 6.14 -3.12 -34.25
C LYS B 166 4.94 -2.17 -34.38
N LYS B 167 5.14 -0.89 -34.08
CA LYS B 167 4.06 0.10 -34.16
C LYS B 167 3.88 0.74 -35.52
N LYS B 168 2.64 1.05 -35.85
CA LYS B 168 2.32 1.67 -37.14
C LYS B 168 1.61 3.01 -36.97
N ILE B 169 2.28 3.98 -36.33
CA ILE B 169 1.67 5.30 -36.11
C ILE B 169 2.71 6.42 -36.19
N THR B 170 2.26 7.66 -36.41
CA THR B 170 3.17 8.81 -36.46
C THR B 170 3.76 8.92 -35.06
N ILE B 171 5.07 9.13 -34.97
CA ILE B 171 5.75 9.18 -33.68
C ILE B 171 5.12 10.04 -32.58
N LYS B 172 4.53 11.18 -32.92
CA LYS B 172 3.96 12.02 -31.87
C LYS B 172 2.79 11.40 -31.13
N PRO B 173 1.71 11.08 -31.84
CA PRO B 173 0.57 10.48 -31.12
C PRO B 173 1.02 9.29 -30.29
N LEU B 174 1.90 8.47 -30.85
CA LEU B 174 2.38 7.32 -30.12
C LEU B 174 2.98 7.76 -28.79
N LEU B 175 3.81 8.78 -28.84
CA LEU B 175 4.45 9.28 -27.62
C LEU B 175 3.43 9.79 -26.62
N LEU B 176 2.36 10.41 -27.11
CA LEU B 176 1.35 10.96 -26.23
C LEU B 176 0.32 9.96 -25.72
N ASP B 177 0.24 8.80 -26.37
CA ASP B 177 -0.69 7.75 -25.94
C ASP B 177 -0.22 7.17 -24.60
N GLN B 178 -0.83 7.62 -23.50
CA GLN B 178 -0.44 7.16 -22.16
C GLN B 178 -0.40 5.65 -22.04
N GLY B 179 -0.99 4.96 -23.02
CA GLY B 179 -1.01 3.51 -23.00
C GLY B 179 0.35 2.94 -23.37
N TYR B 180 0.94 3.51 -24.43
CA TYR B 180 2.24 3.09 -24.89
C TYR B 180 3.27 3.37 -23.78
N ILE B 181 3.46 4.65 -23.46
CA ILE B 181 4.36 5.11 -22.39
C ILE B 181 3.60 6.19 -21.66
N SER B 182 3.88 6.38 -20.37
CA SER B 182 3.15 7.36 -19.59
C SER B 182 4.00 8.50 -19.06
N GLY B 183 3.45 9.71 -19.07
CA GLY B 183 4.17 10.86 -18.54
C GLY B 183 4.42 12.00 -19.52
N ILE B 184 4.48 11.67 -20.81
CA ILE B 184 4.73 12.65 -21.85
C ILE B 184 3.50 13.48 -22.22
N GLY B 185 3.69 14.79 -22.25
CA GLY B 185 2.62 15.70 -22.61
C GLY B 185 2.98 16.37 -23.92
N ASN B 186 2.11 17.24 -24.41
CA ASN B 186 2.36 17.91 -25.66
C ASN B 186 3.72 18.62 -25.74
N TRP B 187 4.09 19.42 -24.74
CA TRP B 187 5.39 20.10 -24.88
C TRP B 187 6.54 19.10 -24.80
N ILE B 188 6.56 18.21 -23.81
CA ILE B 188 7.66 17.26 -23.78
C ILE B 188 7.72 16.50 -25.10
N ALA B 189 6.56 16.26 -25.71
CA ALA B 189 6.54 15.55 -26.99
C ALA B 189 7.34 16.33 -28.03
N ASP B 190 6.91 17.55 -28.32
CA ASP B 190 7.63 18.39 -29.29
C ASP B 190 9.11 18.46 -28.92
N GLU B 191 9.39 18.78 -27.65
CA GLU B 191 10.75 18.90 -27.20
C GLU B 191 11.69 17.76 -27.56
N VAL B 192 11.28 16.52 -27.28
CA VAL B 192 12.14 15.38 -27.58
C VAL B 192 12.23 15.12 -29.08
N LEU B 193 11.16 15.43 -29.80
CA LEU B 193 11.15 15.22 -31.25
C LEU B 193 12.10 16.20 -31.97
N TYR B 194 12.29 17.37 -31.38
CA TYR B 194 13.17 18.39 -31.94
C TYR B 194 14.62 18.19 -31.50
N GLN B 195 14.81 17.89 -30.23
CA GLN B 195 16.14 17.67 -29.68
C GLN B 195 16.75 16.41 -30.28
N ALA B 196 16.07 15.83 -31.25
CA ALA B 196 16.55 14.62 -31.89
C ALA B 196 16.23 14.71 -33.38
N ARG B 197 15.87 15.91 -33.81
CA ARG B 197 15.54 16.16 -35.21
C ARG B 197 14.73 15.00 -35.78
N ILE B 198 13.46 14.92 -35.42
CA ILE B 198 12.58 13.87 -35.89
C ILE B 198 11.18 14.42 -36.11
N HIS B 199 10.73 14.43 -37.36
CA HIS B 199 9.41 14.93 -37.69
C HIS B 199 8.31 14.23 -36.88
N PRO B 200 7.39 15.01 -36.30
CA PRO B 200 6.30 14.44 -35.49
C PRO B 200 5.41 13.47 -36.26
N LEU B 201 5.13 13.79 -37.52
CA LEU B 201 4.28 12.94 -38.36
C LEU B 201 5.00 11.78 -39.03
N GLN B 202 6.22 11.48 -38.59
CA GLN B 202 6.98 10.37 -39.18
C GLN B 202 6.55 9.03 -38.56
N THR B 203 6.17 8.08 -39.41
CA THR B 203 5.76 6.75 -38.95
C THR B 203 6.73 6.12 -37.96
N ALA B 204 6.18 5.60 -36.88
CA ALA B 204 6.97 4.98 -35.82
C ALA B 204 7.82 3.82 -36.29
N SER B 205 7.28 3.02 -37.21
CA SER B 205 8.00 1.86 -37.73
C SER B 205 9.19 2.30 -38.56
N SER B 206 8.97 3.28 -39.43
CA SER B 206 10.00 3.82 -40.31
C SER B 206 11.19 4.46 -39.59
N LEU B 207 11.18 4.38 -38.26
CA LEU B 207 12.28 4.96 -37.48
C LEU B 207 13.54 4.12 -37.51
N SER B 208 14.62 4.73 -38.00
CA SER B 208 15.91 4.07 -38.08
C SER B 208 16.36 3.66 -36.69
N LYS B 209 17.15 2.60 -36.61
CA LYS B 209 17.66 2.12 -35.33
C LYS B 209 18.50 3.22 -34.68
N GLU B 210 18.89 4.21 -35.49
CA GLU B 210 19.68 5.33 -35.00
C GLU B 210 18.78 6.38 -34.34
N GLN B 211 17.81 6.88 -35.10
CA GLN B 211 16.87 7.87 -34.61
C GLN B 211 16.31 7.48 -33.25
N CYS B 212 15.86 6.24 -33.16
CA CYS B 212 15.27 5.70 -31.94
C CYS B 212 16.22 5.79 -30.75
N GLU B 213 17.52 5.73 -31.01
CA GLU B 213 18.50 5.82 -29.93
C GLU B 213 18.63 7.30 -29.61
N ALA B 214 18.36 8.14 -30.62
CA ALA B 214 18.40 9.59 -30.46
C ALA B 214 17.13 9.99 -29.69
N LEU B 215 16.02 9.38 -30.06
CA LEU B 215 14.76 9.65 -29.40
C LEU B 215 14.92 9.20 -27.95
N HIS B 216 15.39 7.97 -27.78
CA HIS B 216 15.60 7.42 -26.45
C HIS B 216 16.42 8.36 -25.57
N THR B 217 17.56 8.81 -26.07
CA THR B 217 18.41 9.67 -25.27
C THR B 217 17.80 11.03 -24.91
N SER B 218 17.14 11.69 -25.88
CA SER B 218 16.53 12.99 -25.61
C SER B 218 15.42 12.88 -24.57
N ILE B 219 14.53 11.91 -24.75
CA ILE B 219 13.45 11.70 -23.79
C ILE B 219 14.03 11.67 -22.38
N LYS B 220 15.07 10.88 -22.18
CA LYS B 220 15.67 10.77 -20.87
C LYS B 220 16.21 12.13 -20.43
N GLU B 221 16.74 12.89 -21.37
CA GLU B 221 17.30 14.20 -21.04
C GLU B 221 16.28 15.30 -20.71
N VAL B 222 15.24 15.44 -21.54
CA VAL B 222 14.23 16.46 -21.27
C VAL B 222 13.57 16.17 -19.93
N ILE B 223 13.13 14.93 -19.74
CA ILE B 223 12.47 14.58 -18.49
C ILE B 223 13.37 14.79 -17.27
N GLU B 224 14.50 14.07 -17.21
CA GLU B 224 15.41 14.20 -16.08
C GLU B 224 15.76 15.65 -15.68
N LYS B 225 16.08 16.48 -16.68
CA LYS B 225 16.42 17.87 -16.42
C LYS B 225 15.20 18.65 -15.92
N ALA B 226 14.05 18.39 -16.54
CA ALA B 226 12.82 19.05 -16.16
C ALA B 226 12.53 18.70 -14.72
N VAL B 227 12.59 17.41 -14.43
CA VAL B 227 12.35 16.92 -13.08
C VAL B 227 13.37 17.52 -12.13
N GLU B 228 14.62 17.51 -12.56
CA GLU B 228 15.71 18.03 -11.75
C GLU B 228 15.54 19.50 -11.31
N VAL B 229 14.83 20.32 -12.09
CA VAL B 229 14.62 21.72 -11.69
C VAL B 229 13.21 21.95 -11.12
N ASP B 230 12.56 20.87 -10.71
CA ASP B 230 11.21 20.92 -10.15
C ASP B 230 10.18 21.52 -11.11
N ALA B 231 10.26 21.16 -12.38
CA ALA B 231 9.32 21.65 -13.38
C ALA B 231 9.29 23.16 -13.54
N ASP B 232 10.31 23.84 -13.02
CA ASP B 232 10.38 25.30 -13.16
C ASP B 232 10.92 25.64 -14.57
N SER B 233 10.00 25.75 -15.53
CA SER B 233 10.36 26.03 -16.92
C SER B 233 11.41 27.11 -17.11
N SER B 234 11.38 28.13 -16.27
CA SER B 234 12.36 29.21 -16.37
C SER B 234 13.77 28.60 -16.29
N GLN B 235 13.88 27.51 -15.56
CA GLN B 235 15.16 26.80 -15.39
C GLN B 235 15.46 25.84 -16.52
N PHE B 236 14.58 25.75 -17.52
CA PHE B 236 14.80 24.84 -18.63
C PHE B 236 15.93 25.36 -19.52
N PRO B 237 16.76 24.45 -20.04
CA PRO B 237 17.88 24.81 -20.90
C PRO B 237 17.45 25.67 -22.08
N SER B 238 18.00 26.88 -22.14
CA SER B 238 17.69 27.85 -23.18
C SER B 238 17.50 27.35 -24.62
N ASN B 239 18.21 26.30 -25.01
CA ASN B 239 18.09 25.83 -26.39
C ASN B 239 16.88 24.94 -26.68
N TRP B 240 15.97 24.80 -25.71
CA TRP B 240 14.75 24.00 -25.90
C TRP B 240 13.78 24.77 -26.79
N ILE B 241 13.02 24.06 -27.62
CA ILE B 241 12.06 24.73 -28.49
C ILE B 241 10.93 25.26 -27.62
N PHE B 242 10.80 24.67 -26.44
CA PHE B 242 9.81 25.05 -25.44
C PHE B 242 9.63 26.56 -25.33
N HIS B 243 10.73 27.25 -25.11
CA HIS B 243 10.74 28.69 -24.94
C HIS B 243 10.12 29.53 -26.05
N ASN B 244 9.96 28.94 -27.23
CA ASN B 244 9.36 29.71 -28.29
C ASN B 244 8.11 29.06 -28.87
N ARG B 245 7.70 27.93 -28.30
CA ARG B 245 6.52 27.21 -28.78
C ARG B 245 5.21 28.00 -28.63
N GLU B 246 5.23 29.12 -27.91
CA GLU B 246 4.00 29.90 -27.72
C GLU B 246 3.96 31.24 -28.47
N LYS B 247 4.92 31.45 -29.37
CA LYS B 247 4.92 32.69 -30.15
C LYS B 247 3.96 32.45 -31.30
N LYS B 248 3.36 33.52 -31.82
CA LYS B 248 2.43 33.36 -32.91
C LYS B 248 3.18 32.94 -34.15
N PRO B 249 2.57 32.07 -34.95
CA PRO B 249 3.23 31.60 -36.18
C PRO B 249 3.73 32.78 -37.01
N GLY B 250 4.85 32.59 -37.71
CA GLY B 250 5.39 33.67 -38.50
C GLY B 250 6.36 34.50 -37.67
N LYS B 251 6.27 34.34 -36.35
CA LYS B 251 7.13 35.06 -35.43
C LYS B 251 7.82 34.13 -34.45
N ALA B 252 7.77 32.84 -34.72
CA ALA B 252 8.39 31.83 -33.87
C ALA B 252 9.64 31.26 -34.51
N PHE B 253 10.77 31.49 -33.86
CA PHE B 253 12.05 31.00 -34.34
C PHE B 253 12.88 30.46 -33.19
N VAL B 254 13.77 29.51 -33.48
CA VAL B 254 14.64 28.93 -32.48
C VAL B 254 16.04 28.73 -33.05
N ASP B 255 16.98 29.47 -32.50
CA ASP B 255 18.37 29.40 -32.95
C ASP B 255 18.49 29.79 -34.42
N GLY B 256 17.53 30.56 -34.89
CA GLY B 256 17.56 31.00 -36.27
C GLY B 256 16.59 30.32 -37.20
N LYS B 257 16.23 29.07 -36.93
CA LYS B 257 15.29 28.39 -37.81
C LYS B 257 13.87 28.80 -37.52
N LYS B 258 13.00 28.60 -38.52
CA LYS B 258 11.60 28.95 -38.41
C LYS B 258 10.78 27.79 -37.87
N ILE B 259 9.84 28.12 -36.97
CA ILE B 259 8.97 27.11 -36.37
C ILE B 259 7.56 27.14 -36.97
N ASP B 260 7.12 26.00 -37.47
CA ASP B 260 5.78 25.90 -38.04
C ASP B 260 4.87 25.23 -37.03
N PHE B 261 3.59 25.59 -37.06
CA PHE B 261 2.61 25.01 -36.15
C PHE B 261 1.54 24.23 -36.88
N ILE B 262 1.65 22.90 -36.85
CA ILE B 262 0.69 22.00 -37.48
C ILE B 262 -0.13 21.39 -36.34
N THR B 263 -1.16 20.61 -36.65
CA THR B 263 -1.97 20.01 -35.58
C THR B 263 -1.96 18.49 -35.51
N ALA B 264 -0.77 17.88 -35.40
CA ALA B 264 -0.68 16.43 -35.30
C ALA B 264 -1.31 15.90 -34.00
N GLY B 265 -1.73 14.64 -34.03
CA GLY B 265 -2.34 14.00 -32.86
C GLY B 265 -3.53 14.74 -32.29
N GLY B 266 -4.19 15.56 -33.10
CA GLY B 266 -5.31 16.31 -32.60
C GLY B 266 -4.83 17.41 -31.67
N ARG B 267 -3.50 17.57 -31.59
CA ARG B 267 -2.90 18.59 -30.72
C ARG B 267 -1.85 19.49 -31.42
N THR B 268 -2.04 20.82 -31.33
CA THR B 268 -1.13 21.76 -31.97
C THR B 268 0.32 21.37 -31.72
N THR B 269 1.04 21.17 -32.82
CA THR B 269 2.43 20.76 -32.78
C THR B 269 3.40 21.80 -33.36
N ALA B 270 4.49 22.04 -32.64
CA ALA B 270 5.51 23.01 -33.05
C ALA B 270 6.79 22.29 -33.46
N TYR B 271 7.27 22.58 -34.66
CA TYR B 271 8.50 21.95 -35.14
C TYR B 271 9.27 22.83 -36.10
N VAL B 272 10.42 22.31 -36.54
CA VAL B 272 11.29 23.03 -37.46
C VAL B 272 11.51 22.21 -38.72
N PRO B 273 10.90 22.61 -39.84
CA PRO B 273 11.07 21.86 -41.09
C PRO B 273 12.52 21.78 -41.51
N GLU B 274 13.25 22.89 -41.38
CA GLU B 274 14.66 22.90 -41.76
C GLU B 274 15.50 21.88 -41.00
N LEU B 275 14.95 21.27 -39.95
CA LEU B 275 15.74 20.30 -39.20
C LEU B 275 15.06 18.97 -39.03
N GLN B 276 13.75 18.93 -39.23
CA GLN B 276 12.96 17.70 -39.09
C GLN B 276 12.24 17.41 -40.41
N LYS B 277 12.82 16.55 -41.24
CA LYS B 277 12.25 16.22 -42.56
C LYS B 277 11.57 14.85 -42.64
N LEU B 278 10.83 14.63 -43.71
CA LEU B 278 10.12 13.38 -43.94
C LEU B 278 10.74 12.55 -45.08
N TYR B 279 10.69 11.22 -44.94
CA TYR B 279 11.20 10.31 -45.96
C TYR B 279 10.31 9.08 -46.10
#